data_1QXL
#
_entry.id   1QXL
#
_cell.length_a   78.37
_cell.length_b   78.37
_cell.length_c   137.82
_cell.angle_alpha   90
_cell.angle_beta   90
_cell.angle_gamma   90
#
_symmetry.space_group_name_H-M   'P 43 21 2'
#
loop_
_entity.id
_entity.type
_entity.pdbx_description
1 polymer 'Adenosine deaminase'
2 non-polymer 'ZINC ION'
3 non-polymer 1-((1R)-1-(HYDROXYMETHYL)-3-{6-[(5-PHENYLPENTANOYL)AMINO]-1H-INDOL-1-YL}PROPYL)-1H-IMIDAZOLE-4-CARBOXAMIDE
4 water water
#
_entity_poly.entity_id   1
_entity_poly.type   'polypeptide(L)'
_entity_poly.pdbx_seq_one_letter_code
;AQTPAFDKPKVELHVHLDGAIKPETILYYGKRRGIALPADTPEELLNIIGMDKPLTLPDFLAKFDYYMPAIAGCRDAIKR
IAYEFVEMKAKDGVVYVEVRYSPHLLANSKVEPIPWNQAEGDLTPDEVVSLVNQGLQEGERDFGVKVRSILCCMRHQPSW
SSEVVELCKKYREQTVVAIDLAGDETIEGSSLFPGHVQAYAEAVKSGVHRTVHAGEVGSANVVKEAVDTLKTERLGHGYH
TLEDTTLYNRLRQENMHFEICPWSSYLTGAWKPDTEHAVIRFKNDQVNYSLNTDDPLIFKSTLDTDYQMTKKDMGFTEEE
FKRLNINAAKSSFLPEDEKKELLDLLYKAYRMPSPA
;
_entity_poly.pdbx_strand_id   A
#
loop_
_chem_comp.id
_chem_comp.type
_chem_comp.name
_chem_comp.formula
FR8 non-polymer 1-((1R)-1-(HYDROXYMETHYL)-3-{6-[(5-PHENYLPENTANOYL)AMINO]-1H-INDOL-1-YL}PROPYL)-1H-IMIDAZOLE-4-CARBOXAMIDE 'C27 H31 N5 O3'
ZN non-polymer 'ZINC ION' 'Zn 2'
#
# COMPACT_ATOMS: atom_id res chain seq x y z
N THR A 3 -20.13 -9.82 11.08
CA THR A 3 -20.30 -10.76 9.95
C THR A 3 -19.68 -10.32 8.63
N PRO A 4 -19.96 -9.05 8.18
CA PRO A 4 -18.87 -8.04 8.12
C PRO A 4 -18.60 -7.52 9.52
N ALA A 5 -17.33 -7.31 9.93
CA ALA A 5 -17.24 -6.97 11.36
C ALA A 5 -17.73 -5.62 11.75
N PHE A 6 -17.60 -4.71 10.80
CA PHE A 6 -17.85 -3.27 10.96
C PHE A 6 -18.58 -2.64 9.73
N ASP A 7 -19.93 -2.65 9.70
CA ASP A 7 -20.52 -1.97 8.51
C ASP A 7 -20.88 -0.53 8.71
N LYS A 8 -19.91 0.24 8.33
CA LYS A 8 -19.75 1.67 8.61
C LYS A 8 -18.67 2.08 7.62
N PRO A 9 -18.66 3.32 7.13
CA PRO A 9 -17.61 3.62 6.14
C PRO A 9 -16.22 3.50 6.77
N LYS A 10 -15.23 3.30 5.88
CA LYS A 10 -13.90 3.04 6.36
C LYS A 10 -13.00 3.76 5.45
N VAL A 11 -11.80 3.97 6.04
CA VAL A 11 -10.57 4.52 5.45
C VAL A 11 -9.46 3.48 5.39
N GLU A 12 -8.83 3.50 4.21
CA GLU A 12 -7.66 2.71 4.02
C GLU A 12 -6.52 3.52 3.43
N LEU A 13 -5.37 3.39 4.10
CA LEU A 13 -4.22 4.20 3.67
C LEU A 13 -3.10 3.36 3.06
N HIS A 14 -3.22 2.03 3.20
CA HIS A 14 -2.07 1.17 2.82
C HIS A 14 -2.45 -0.09 2.07
N VAL A 15 -2.38 0.05 0.75
CA VAL A 15 -2.79 -1.04 -0.17
C VAL A 15 -2.05 -0.83 -1.49
N HIS A 16 -1.42 -1.88 -1.94
CA HIS A 16 -0.73 -1.86 -3.24
C HIS A 16 -1.61 -2.23 -4.47
N LEU A 17 -1.69 -1.33 -5.43
CA LEU A 17 -2.44 -1.58 -6.67
C LEU A 17 -2.12 -2.90 -7.38
N ASP A 18 -0.82 -3.14 -7.42
CA ASP A 18 -0.26 -4.28 -8.11
C ASP A 18 -0.32 -5.59 -7.38
N GLY A 19 -0.94 -5.53 -6.20
CA GLY A 19 -1.44 -6.70 -5.52
C GLY A 19 -2.95 -6.67 -5.20
N ALA A 20 -3.69 -5.90 -5.96
CA ALA A 20 -5.14 -5.87 -5.75
C ALA A 20 -5.74 -5.88 -7.15
N ILE A 21 -5.47 -7.03 -7.79
CA ILE A 21 -5.76 -7.15 -9.21
C ILE A 21 -6.70 -8.33 -9.31
N LYS A 22 -7.79 -8.24 -10.14
CA LYS A 22 -8.69 -9.42 -10.06
C LYS A 22 -8.11 -10.61 -10.77
N PRO A 23 -8.23 -11.79 -10.15
CA PRO A 23 -7.80 -13.01 -10.84
C PRO A 23 -8.29 -13.10 -12.30
N GLU A 24 -9.63 -12.96 -12.40
CA GLU A 24 -10.28 -12.90 -13.73
C GLU A 24 -9.60 -11.97 -14.78
N THR A 25 -9.10 -10.81 -14.32
CA THR A 25 -8.49 -9.97 -15.39
C THR A 25 -7.04 -10.17 -15.70
N ILE A 26 -6.42 -10.96 -14.85
CA ILE A 26 -5.11 -11.44 -15.31
C ILE A 26 -5.19 -12.52 -16.37
N LEU A 27 -6.14 -13.46 -16.19
CA LEU A 27 -6.40 -14.36 -17.32
C LEU A 27 -6.81 -13.69 -18.62
N TYR A 28 -7.71 -12.73 -18.45
CA TYR A 28 -7.93 -11.91 -19.65
C TYR A 28 -6.73 -11.28 -20.44
N TYR A 29 -5.72 -10.73 -19.70
CA TYR A 29 -4.63 -10.17 -20.52
C TYR A 29 -3.49 -11.18 -20.82
N GLY A 30 -3.37 -12.21 -19.97
CA GLY A 30 -2.38 -13.22 -20.35
C GLY A 30 -2.70 -13.99 -21.67
N LYS A 31 -3.97 -14.48 -21.64
CA LYS A 31 -4.66 -14.86 -22.88
C LYS A 31 -4.59 -13.84 -24.00
N ARG A 32 -5.04 -12.61 -23.77
CA ARG A 32 -4.83 -11.83 -24.98
C ARG A 32 -3.43 -11.31 -25.31
N ARG A 33 -2.39 -11.82 -24.65
CA ARG A 33 -1.12 -11.23 -25.15
C ARG A 33 0.06 -12.15 -25.31
N GLY A 34 -0.21 -13.41 -25.01
CA GLY A 34 0.92 -14.33 -25.03
C GLY A 34 1.34 -14.87 -23.66
N ILE A 35 1.12 -14.08 -22.61
CA ILE A 35 2.02 -14.44 -21.49
C ILE A 35 1.73 -15.81 -20.89
N ALA A 36 0.44 -16.09 -20.96
CA ALA A 36 0.09 -17.41 -20.48
C ALA A 36 0.54 -17.80 -19.09
N LEU A 37 -0.43 -17.59 -18.21
CA LEU A 37 -0.27 -17.87 -16.76
C LEU A 37 -0.04 -19.36 -16.44
N PRO A 38 0.33 -19.68 -15.19
CA PRO A 38 0.41 -21.12 -14.85
C PRO A 38 -0.94 -21.84 -14.69
N ALA A 39 -2.01 -21.47 -15.46
CA ALA A 39 -3.39 -22.08 -15.28
C ALA A 39 -4.50 -21.18 -15.79
N ASP A 40 -5.71 -21.72 -16.13
CA ASP A 40 -6.63 -20.80 -16.85
C ASP A 40 -8.14 -20.72 -16.54
N THR A 41 -8.48 -21.21 -15.34
CA THR A 41 -9.66 -20.56 -14.70
C THR A 41 -9.28 -19.56 -13.60
N PRO A 42 -10.12 -18.51 -13.51
CA PRO A 42 -9.98 -17.50 -12.44
C PRO A 42 -9.66 -18.11 -11.09
N GLU A 43 -10.63 -18.99 -10.84
CA GLU A 43 -10.62 -19.92 -9.72
C GLU A 43 -9.25 -20.46 -9.44
N GLU A 44 -8.72 -21.17 -10.42
CA GLU A 44 -7.59 -21.98 -9.99
C GLU A 44 -6.27 -21.26 -9.89
N LEU A 45 -6.30 -20.13 -10.62
CA LEU A 45 -5.35 -19.00 -10.50
C LEU A 45 -5.22 -18.27 -9.14
N LEU A 46 -6.36 -17.87 -8.50
CA LEU A 46 -6.22 -17.18 -7.20
C LEU A 46 -5.45 -18.01 -6.18
N ASN A 47 -5.81 -19.30 -6.13
CA ASN A 47 -5.20 -20.32 -5.24
C ASN A 47 -3.70 -20.55 -5.36
N ILE A 48 -3.15 -20.43 -6.57
CA ILE A 48 -1.69 -20.44 -6.63
C ILE A 48 -0.96 -19.06 -6.55
N ILE A 49 -1.60 -18.04 -7.15
CA ILE A 49 -0.95 -16.77 -6.88
C ILE A 49 -1.20 -16.16 -5.51
N GLY A 50 -1.93 -16.92 -4.69
CA GLY A 50 -2.25 -16.51 -3.33
C GLY A 50 -1.62 -17.35 -2.28
N MET A 51 -1.52 -16.77 -1.07
CA MET A 51 -0.79 -17.55 -0.06
C MET A 51 -1.85 -18.05 0.92
N ASP A 52 -1.65 -19.23 1.50
CA ASP A 52 -2.26 -19.41 2.83
C ASP A 52 -1.29 -19.51 3.99
N LYS A 53 -0.01 -19.56 3.63
CA LYS A 53 0.93 -19.73 4.74
C LYS A 53 2.19 -18.97 4.49
N PRO A 54 2.99 -18.72 5.52
CA PRO A 54 4.24 -18.05 5.16
C PRO A 54 5.15 -18.90 4.29
N LEU A 55 5.68 -18.21 3.28
CA LEU A 55 6.78 -18.74 2.46
C LEU A 55 8.03 -17.89 2.58
N THR A 56 9.06 -18.25 1.85
CA THR A 56 10.21 -17.34 1.80
C THR A 56 10.16 -16.17 0.86
N LEU A 57 11.12 -15.27 1.02
CA LEU A 57 11.09 -14.10 0.13
C LEU A 57 11.07 -14.37 -1.40
N PRO A 58 11.94 -15.30 -1.89
CA PRO A 58 11.82 -15.65 -3.30
C PRO A 58 10.55 -16.40 -3.65
N ASP A 59 10.04 -17.27 -2.74
CA ASP A 59 8.70 -17.74 -3.10
C ASP A 59 7.67 -16.59 -3.14
N PHE A 60 7.86 -15.50 -2.34
CA PHE A 60 6.92 -14.35 -2.43
C PHE A 60 7.04 -13.53 -3.69
N LEU A 61 8.30 -13.30 -4.10
CA LEU A 61 8.48 -12.52 -5.32
C LEU A 61 8.05 -13.14 -6.70
N ALA A 62 8.22 -14.47 -6.74
CA ALA A 62 7.78 -15.31 -7.83
C ALA A 62 6.32 -15.18 -8.12
N LYS A 63 5.54 -14.92 -7.04
CA LYS A 63 4.14 -14.57 -7.34
C LYS A 63 3.96 -13.42 -8.30
N PHE A 64 4.72 -12.34 -8.04
CA PHE A 64 4.77 -11.20 -8.96
C PHE A 64 5.13 -11.55 -10.40
N ASP A 65 6.05 -12.52 -10.44
CA ASP A 65 6.52 -13.18 -11.69
C ASP A 65 5.56 -14.03 -12.48
N TYR A 66 4.41 -14.33 -11.86
CA TYR A 66 3.41 -14.86 -12.77
C TYR A 66 2.63 -13.72 -13.42
N TYR A 67 1.93 -12.98 -12.56
CA TYR A 67 1.01 -12.04 -13.13
C TYR A 67 1.47 -10.72 -13.65
N MET A 68 2.52 -10.19 -13.06
CA MET A 68 2.91 -8.87 -13.58
C MET A 68 3.14 -8.69 -15.06
N PRO A 69 3.82 -9.65 -15.74
CA PRO A 69 4.06 -9.46 -17.18
C PRO A 69 2.87 -9.44 -18.14
N ALA A 70 1.79 -10.06 -17.67
CA ALA A 70 0.44 -10.00 -18.25
C ALA A 70 -0.29 -8.69 -18.16
N ILE A 71 0.19 -7.84 -17.24
CA ILE A 71 -0.41 -6.50 -17.17
C ILE A 71 0.54 -5.35 -17.59
N ALA A 72 1.79 -5.54 -17.11
CA ALA A 72 2.80 -4.47 -17.27
C ALA A 72 2.97 -4.13 -18.73
N GLY A 73 3.22 -2.89 -19.09
CA GLY A 73 3.43 -2.78 -20.53
C GLY A 73 2.24 -2.89 -21.50
N CYS A 74 1.00 -3.15 -21.01
CA CYS A 74 -0.18 -2.87 -21.88
C CYS A 74 -1.01 -1.65 -21.42
N ARG A 75 -1.06 -0.58 -22.19
CA ARG A 75 -1.84 0.55 -21.69
C ARG A 75 -3.29 0.33 -21.26
N ASP A 76 -3.89 -0.47 -22.13
CA ASP A 76 -5.17 -1.07 -21.78
C ASP A 76 -5.31 -1.64 -20.35
N ALA A 77 -4.29 -2.37 -19.96
CA ALA A 77 -4.41 -3.11 -18.73
C ALA A 77 -4.21 -2.20 -17.51
N ILE A 78 -3.20 -1.34 -17.67
CA ILE A 78 -2.88 -0.43 -16.56
C ILE A 78 -4.09 0.36 -16.06
N LYS A 79 -4.72 0.95 -17.08
CA LYS A 79 -5.97 1.67 -16.88
C LYS A 79 -7.16 0.87 -16.33
N ARG A 80 -7.41 -0.31 -16.85
CA ARG A 80 -8.48 -1.13 -16.23
C ARG A 80 -8.24 -1.52 -14.76
N ILE A 81 -6.95 -1.79 -14.46
CA ILE A 81 -6.73 -2.27 -13.07
C ILE A 81 -6.92 -1.22 -11.99
N ALA A 82 -6.60 -0.04 -12.41
CA ALA A 82 -6.96 1.15 -11.64
C ALA A 82 -8.44 1.36 -11.35
N TYR A 83 -9.18 1.38 -12.49
CA TYR A 83 -10.66 1.31 -12.41
C TYR A 83 -11.26 0.19 -11.55
N GLU A 84 -10.91 -1.05 -11.86
CA GLU A 84 -11.31 -2.21 -11.03
C GLU A 84 -10.87 -2.20 -9.58
N PHE A 85 -9.74 -1.51 -9.38
CA PHE A 85 -9.41 -1.28 -7.98
C PHE A 85 -10.48 -0.41 -7.24
N VAL A 86 -10.98 0.57 -7.93
CA VAL A 86 -11.92 1.40 -7.20
C VAL A 86 -13.24 0.71 -6.91
N GLU A 87 -13.74 0.05 -7.94
CA GLU A 87 -14.87 -0.75 -7.49
C GLU A 87 -14.77 -1.88 -6.50
N MET A 88 -13.61 -2.60 -6.50
CA MET A 88 -13.31 -3.44 -5.34
C MET A 88 -13.44 -2.75 -3.96
N LYS A 89 -12.99 -1.49 -3.88
CA LYS A 89 -13.13 -0.79 -2.59
C LYS A 89 -14.51 -0.28 -2.19
N ALA A 90 -15.28 0.11 -3.24
CA ALA A 90 -16.71 0.37 -2.97
C ALA A 90 -17.42 -0.78 -2.31
N LYS A 91 -17.13 -1.96 -2.81
CA LYS A 91 -17.64 -3.14 -2.08
C LYS A 91 -17.16 -3.44 -0.66
N ASP A 92 -15.98 -2.92 -0.30
CA ASP A 92 -15.58 -3.03 1.13
C ASP A 92 -16.19 -1.97 2.08
N GLY A 93 -16.87 -0.99 1.46
CA GLY A 93 -17.31 0.08 2.31
C GLY A 93 -16.33 1.24 2.58
N VAL A 94 -15.27 1.27 1.76
CA VAL A 94 -14.35 2.41 1.92
C VAL A 94 -14.90 3.73 1.38
N VAL A 95 -14.68 4.86 2.05
CA VAL A 95 -14.99 6.20 1.49
C VAL A 95 -13.88 6.99 0.94
N TYR A 96 -12.69 6.56 1.35
CA TYR A 96 -11.43 7.27 0.94
C TYR A 96 -10.27 6.29 1.01
N VAL A 97 -9.58 6.18 -0.11
CA VAL A 97 -8.45 5.29 -0.04
C VAL A 97 -7.22 5.95 -0.62
N GLU A 98 -6.08 5.56 -0.06
CA GLU A 98 -4.82 5.85 -0.76
C GLU A 98 -4.21 4.62 -1.36
N VAL A 99 -3.90 4.68 -2.61
CA VAL A 99 -3.38 3.46 -3.20
C VAL A 99 -1.98 3.76 -3.72
N ARG A 100 -1.11 2.78 -3.53
CA ARG A 100 0.32 2.89 -3.83
C ARG A 100 0.84 1.86 -4.81
N TYR A 101 1.85 2.26 -5.56
CA TYR A 101 2.45 1.41 -6.58
C TYR A 101 3.71 2.07 -7.11
N SER A 102 4.60 1.21 -7.54
CA SER A 102 5.76 1.66 -8.38
C SER A 102 5.49 1.78 -9.89
N PRO A 103 5.63 3.01 -10.37
CA PRO A 103 5.43 3.27 -11.80
C PRO A 103 6.43 2.63 -12.75
N HIS A 104 7.69 2.60 -12.32
CA HIS A 104 8.66 1.80 -13.09
C HIS A 104 8.29 0.29 -13.24
N LEU A 105 7.77 -0.32 -12.18
CA LEU A 105 7.45 -1.77 -12.33
C LEU A 105 6.35 -2.19 -13.30
N LEU A 106 5.59 -1.18 -13.71
CA LEU A 106 4.59 -1.41 -14.75
C LEU A 106 5.00 -0.87 -16.13
N ALA A 107 6.23 -0.34 -16.19
CA ALA A 107 6.67 0.15 -17.47
C ALA A 107 7.40 -0.88 -18.36
N ASN A 108 7.63 -0.48 -19.60
CA ASN A 108 8.58 -1.23 -20.44
C ASN A 108 9.51 -0.39 -21.31
N SER A 109 9.62 0.90 -21.07
CA SER A 109 10.73 1.68 -21.66
C SER A 109 11.09 2.91 -20.84
N LYS A 110 12.28 3.51 -21.08
CA LYS A 110 12.83 4.46 -20.07
C LYS A 110 12.87 3.92 -18.59
N VAL A 111 13.14 2.61 -18.54
CA VAL A 111 13.40 1.99 -17.24
C VAL A 111 14.53 1.00 -17.32
N GLU A 112 15.49 1.16 -16.42
CA GLU A 112 16.56 0.17 -16.31
C GLU A 112 16.89 -0.34 -14.92
N PRO A 113 16.90 -1.66 -14.82
CA PRO A 113 16.60 -2.59 -15.94
C PRO A 113 15.15 -2.50 -16.54
N ILE A 114 14.78 -3.34 -17.53
CA ILE A 114 13.34 -3.53 -17.81
C ILE A 114 12.74 -4.61 -16.87
N PRO A 115 11.62 -4.27 -16.18
CA PRO A 115 11.13 -5.25 -15.22
C PRO A 115 10.44 -6.50 -15.83
N TRP A 116 10.36 -7.53 -14.98
CA TRP A 116 9.67 -8.81 -15.35
C TRP A 116 10.19 -9.63 -16.55
N ASN A 117 11.51 -9.45 -16.80
CA ASN A 117 12.10 -9.60 -18.16
C ASN A 117 11.24 -9.36 -19.40
N GLN A 118 10.35 -8.36 -19.30
CA GLN A 118 9.68 -8.02 -20.54
C GLN A 118 10.60 -7.63 -21.68
N ALA A 119 10.13 -7.88 -22.88
CA ALA A 119 10.72 -7.10 -23.98
C ALA A 119 10.55 -5.54 -23.88
N GLU A 120 11.43 -4.82 -24.57
CA GLU A 120 11.15 -3.41 -24.64
C GLU A 120 9.94 -2.96 -25.46
N GLY A 121 9.05 -2.22 -24.78
CA GLY A 121 8.11 -1.51 -25.67
C GLY A 121 8.28 -0.01 -25.70
N ASP A 122 7.14 0.64 -25.60
CA ASP A 122 7.23 2.10 -25.37
C ASP A 122 6.37 2.70 -24.21
N LEU A 123 5.83 1.82 -23.32
CA LEU A 123 5.15 2.35 -22.12
C LEU A 123 6.18 2.80 -21.06
N THR A 124 6.22 4.13 -20.91
CA THR A 124 7.20 4.72 -19.97
C THR A 124 6.68 4.96 -18.58
N PRO A 125 7.57 5.13 -17.59
CA PRO A 125 7.05 5.34 -16.23
C PRO A 125 5.98 6.46 -16.11
N ASP A 126 6.38 7.55 -16.72
CA ASP A 126 5.47 8.69 -16.67
C ASP A 126 4.09 8.53 -17.39
N GLU A 127 4.01 7.89 -18.61
CA GLU A 127 2.58 7.58 -18.90
C GLU A 127 1.89 6.48 -18.09
N VAL A 128 2.59 5.52 -17.52
CA VAL A 128 1.86 4.72 -16.55
C VAL A 128 1.17 5.57 -15.43
N VAL A 129 1.91 6.55 -14.88
CA VAL A 129 1.14 7.32 -13.88
C VAL A 129 -0.09 8.11 -14.32
N SER A 130 0.04 8.63 -15.54
CA SER A 130 -1.14 9.17 -16.28
C SER A 130 -2.38 8.25 -16.51
N LEU A 131 -2.12 7.00 -16.96
CA LEU A 131 -3.20 6.00 -17.03
C LEU A 131 -3.89 5.48 -15.73
N VAL A 132 -3.04 5.06 -14.76
CA VAL A 132 -3.59 4.81 -13.43
C VAL A 132 -4.41 6.01 -12.95
N ASN A 133 -3.86 7.22 -13.13
CA ASN A 133 -4.66 8.37 -12.74
C ASN A 133 -6.06 8.40 -13.39
N GLN A 134 -6.05 8.27 -14.74
CA GLN A 134 -7.30 8.09 -15.44
C GLN A 134 -8.33 7.13 -14.88
N GLY A 135 -7.91 5.91 -14.83
CA GLY A 135 -8.89 4.94 -14.38
C GLY A 135 -9.27 5.11 -12.93
N LEU A 136 -8.32 5.74 -12.16
CA LEU A 136 -8.59 5.99 -10.77
C LEU A 136 -9.66 7.07 -10.64
N GLN A 137 -9.56 8.06 -11.54
CA GLN A 137 -10.58 9.11 -11.62
C GLN A 137 -11.93 8.66 -12.18
N GLU A 138 -11.86 7.81 -13.15
CA GLU A 138 -13.22 7.45 -13.53
C GLU A 138 -13.88 6.37 -12.65
N GLY A 139 -12.99 5.67 -11.89
CA GLY A 139 -13.49 4.90 -10.75
C GLY A 139 -14.10 5.86 -9.72
N GLU A 140 -13.37 6.94 -9.46
CA GLU A 140 -13.95 7.76 -8.41
C GLU A 140 -15.40 8.19 -8.67
N ARG A 141 -15.51 8.71 -9.91
CA ARG A 141 -16.80 9.28 -10.23
C ARG A 141 -17.89 8.33 -10.69
N ASP A 142 -17.53 7.05 -10.94
CA ASP A 142 -18.57 6.01 -11.02
C ASP A 142 -19.02 5.25 -9.80
N PHE A 143 -18.04 5.11 -8.87
CA PHE A 143 -18.35 4.32 -7.71
C PHE A 143 -18.45 5.00 -6.34
N GLY A 144 -18.31 6.36 -6.27
CA GLY A 144 -18.55 6.88 -4.90
C GLY A 144 -17.42 6.84 -3.86
N VAL A 145 -16.25 6.40 -4.35
CA VAL A 145 -15.10 6.28 -3.47
C VAL A 145 -14.04 7.31 -3.74
N LYS A 146 -13.77 8.14 -2.76
CA LYS A 146 -12.66 9.10 -3.01
C LYS A 146 -11.24 8.45 -2.98
N VAL A 147 -10.48 8.67 -4.06
CA VAL A 147 -9.21 7.94 -4.20
C VAL A 147 -8.03 8.83 -4.50
N ARG A 148 -6.96 8.61 -3.72
CA ARG A 148 -5.71 9.23 -4.14
C ARG A 148 -4.58 8.26 -4.31
N SER A 149 -3.50 8.73 -4.92
CA SER A 149 -2.37 7.79 -4.89
C SER A 149 -1.01 8.16 -4.31
N ILE A 150 -0.23 7.08 -4.20
CA ILE A 150 1.11 7.03 -3.66
C ILE A 150 2.05 6.27 -4.59
N LEU A 151 3.15 6.95 -4.94
CA LEU A 151 4.13 6.32 -5.84
C LEU A 151 5.33 5.81 -5.12
N CYS A 152 5.60 4.55 -5.36
CA CYS A 152 6.55 3.89 -4.49
C CYS A 152 7.93 4.05 -5.06
N CYS A 153 8.84 4.59 -4.26
CA CYS A 153 10.27 4.18 -4.46
C CYS A 153 10.63 2.73 -4.15
N MET A 154 11.56 2.11 -4.90
CA MET A 154 12.07 0.74 -4.51
C MET A 154 13.46 0.60 -3.78
N ARG A 155 13.55 -0.02 -2.61
CA ARG A 155 14.83 -0.06 -1.87
C ARG A 155 16.10 -0.34 -2.67
N HIS A 156 16.02 -1.44 -3.40
CA HIS A 156 17.07 -1.95 -4.27
C HIS A 156 17.44 -1.08 -5.44
N GLN A 157 16.64 -0.04 -5.58
CA GLN A 157 16.96 0.74 -6.76
C GLN A 157 16.95 2.21 -6.54
N PRO A 158 17.95 2.69 -5.82
CA PRO A 158 17.90 4.13 -5.51
C PRO A 158 17.85 5.04 -6.72
N SER A 159 18.35 4.48 -7.84
CA SER A 159 18.29 5.27 -9.08
C SER A 159 16.95 5.60 -9.64
N TRP A 160 15.96 4.79 -9.34
CA TRP A 160 14.64 5.30 -9.76
C TRP A 160 14.03 6.48 -8.93
N SER A 161 14.60 6.74 -7.74
CA SER A 161 13.83 7.55 -6.77
C SER A 161 13.62 8.97 -7.14
N SER A 162 14.66 9.45 -7.83
CA SER A 162 14.46 10.86 -8.20
C SER A 162 13.40 11.06 -9.26
N GLU A 163 13.19 10.06 -10.12
CA GLU A 163 12.03 10.35 -10.93
C GLU A 163 10.69 10.02 -10.32
N VAL A 164 10.72 9.12 -9.29
CA VAL A 164 9.53 9.10 -8.46
C VAL A 164 9.07 10.42 -7.88
N VAL A 165 9.95 11.05 -7.09
CA VAL A 165 9.63 12.41 -6.64
C VAL A 165 9.30 13.49 -7.69
N GLU A 166 9.75 13.35 -8.90
CA GLU A 166 9.25 14.30 -9.88
C GLU A 166 7.94 13.91 -10.50
N LEU A 167 7.66 12.64 -10.64
CA LEU A 167 6.31 12.15 -10.91
C LEU A 167 5.25 12.59 -9.90
N CYS A 168 5.63 12.50 -8.57
CA CYS A 168 4.89 13.14 -7.49
C CYS A 168 4.57 14.60 -7.60
N LYS A 169 5.56 15.42 -7.92
CA LYS A 169 5.37 16.86 -8.20
C LYS A 169 4.57 17.20 -9.50
N LYS A 170 4.93 16.51 -10.59
CA LYS A 170 4.17 16.74 -11.82
C LYS A 170 2.70 16.32 -11.76
N TYR A 171 2.42 15.19 -11.10
CA TYR A 171 1.02 14.77 -10.98
C TYR A 171 0.22 15.12 -9.71
N ARG A 172 0.74 16.12 -9.04
CA ARG A 172 0.18 16.71 -7.81
C ARG A 172 -1.39 16.96 -7.66
N GLU A 173 -1.95 16.69 -6.52
CA GLU A 173 -3.37 16.28 -6.25
C GLU A 173 -4.39 15.61 -7.23
N GLN A 174 -4.13 15.85 -8.52
CA GLN A 174 -4.49 15.04 -9.68
C GLN A 174 -3.83 13.68 -10.02
N THR A 175 -3.73 12.65 -9.21
CA THR A 175 -4.21 12.26 -7.88
C THR A 175 -3.13 11.91 -6.80
N VAL A 176 -1.82 12.10 -7.21
CA VAL A 176 -0.67 11.77 -6.37
C VAL A 176 -0.45 12.68 -5.19
N VAL A 177 -0.56 12.08 -4.05
CA VAL A 177 -0.34 12.87 -2.82
C VAL A 177 0.92 12.59 -1.94
N ALA A 178 1.58 11.47 -2.26
CA ALA A 178 2.72 11.13 -1.44
C ALA A 178 3.71 10.25 -2.15
N ILE A 179 4.86 10.12 -1.52
CA ILE A 179 5.91 9.18 -1.94
C ILE A 179 6.08 8.10 -0.87
N ASP A 180 6.52 6.94 -1.34
CA ASP A 180 6.67 5.82 -0.43
C ASP A 180 8.00 5.16 -0.72
N LEU A 181 8.48 4.35 0.22
CA LEU A 181 9.58 3.43 -0.09
C LEU A 181 9.23 2.05 0.32
N ALA A 182 9.20 1.22 -0.70
CA ALA A 182 8.86 -0.18 -0.54
C ALA A 182 10.03 -1.06 -1.03
N GLY A 183 9.85 -2.34 -0.68
CA GLY A 183 10.59 -3.49 -1.18
C GLY A 183 11.69 -4.03 -0.30
N ASP A 184 11.55 -4.49 0.89
CA ASP A 184 12.86 -5.24 1.32
C ASP A 184 13.86 -4.44 2.11
N GLU A 185 13.32 -4.11 3.28
CA GLU A 185 14.16 -3.38 4.18
C GLU A 185 15.33 -4.12 4.84
N THR A 186 15.71 -5.32 4.34
CA THR A 186 16.82 -6.23 4.76
C THR A 186 18.18 -5.87 4.17
N ILE A 187 18.06 -5.26 2.98
CA ILE A 187 19.32 -4.85 2.40
C ILE A 187 19.99 -3.73 3.15
N GLU A 188 21.19 -4.06 3.61
CA GLU A 188 21.97 -3.19 4.41
C GLU A 188 22.06 -1.76 4.01
N GLY A 189 21.62 -0.90 4.93
CA GLY A 189 21.98 0.49 4.60
C GLY A 189 21.02 1.15 3.64
N SER A 190 20.10 0.34 3.11
CA SER A 190 19.22 0.87 2.04
C SER A 190 18.35 2.16 2.29
N SER A 191 18.01 2.46 3.58
CA SER A 191 17.36 3.76 3.90
C SER A 191 18.29 5.00 3.76
N LEU A 192 19.58 4.68 3.85
CA LEU A 192 20.62 5.72 3.69
C LEU A 192 21.24 5.78 2.32
N PHE A 193 20.77 4.95 1.37
CA PHE A 193 21.30 5.23 0.04
C PHE A 193 20.97 6.61 -0.53
N PRO A 194 22.04 7.34 -1.05
CA PRO A 194 21.93 8.69 -1.60
C PRO A 194 20.77 9.09 -2.54
N GLY A 195 20.56 8.24 -3.57
CA GLY A 195 19.27 8.19 -4.26
C GLY A 195 17.98 8.35 -3.44
N HIS A 196 17.66 7.45 -2.48
CA HIS A 196 16.48 7.58 -1.63
C HIS A 196 16.51 8.77 -0.71
N VAL A 197 17.73 8.95 -0.14
CA VAL A 197 17.86 10.17 0.62
C VAL A 197 17.60 11.54 -0.06
N GLN A 198 18.16 11.74 -1.26
CA GLN A 198 17.86 13.04 -1.82
C GLN A 198 16.43 13.18 -2.40
N ALA A 199 15.89 12.02 -2.76
CA ALA A 199 14.48 12.11 -3.15
C ALA A 199 13.53 12.52 -2.02
N TYR A 200 13.76 11.93 -0.87
CA TYR A 200 12.95 12.41 0.26
C TYR A 200 13.24 13.86 0.73
N ALA A 201 14.50 14.23 0.54
CA ALA A 201 14.82 15.63 0.70
C ALA A 201 14.09 16.57 -0.28
N GLU A 202 13.98 16.18 -1.53
CA GLU A 202 13.21 16.91 -2.52
C GLU A 202 11.70 16.93 -2.31
N ALA A 203 11.22 15.78 -1.89
CA ALA A 203 9.89 15.76 -1.28
C ALA A 203 9.56 16.74 -0.17
N VAL A 204 10.46 16.79 0.86
CA VAL A 204 10.40 17.83 1.89
C VAL A 204 10.43 19.24 1.27
N LYS A 205 11.41 19.52 0.42
CA LYS A 205 11.57 20.79 -0.32
C LYS A 205 10.30 21.27 -1.07
N SER A 206 9.62 20.26 -1.63
CA SER A 206 8.50 20.66 -2.44
C SER A 206 7.09 20.26 -1.95
N GLY A 207 6.95 20.06 -0.63
CA GLY A 207 5.67 19.65 -0.03
C GLY A 207 4.99 18.38 -0.55
N VAL A 208 5.79 17.39 -0.99
CA VAL A 208 5.15 16.12 -1.08
C VAL A 208 5.15 15.27 0.17
N HIS A 209 3.98 14.72 0.47
CA HIS A 209 3.91 13.94 1.70
C HIS A 209 4.71 12.61 1.70
N ARG A 210 5.06 12.18 2.89
CA ARG A 210 5.97 11.01 2.95
C ARG A 210 5.43 9.87 3.85
N THR A 211 5.50 8.67 3.32
CA THR A 211 5.41 7.44 4.07
C THR A 211 6.61 6.52 3.70
N VAL A 212 6.95 5.63 4.63
CA VAL A 212 7.96 4.57 4.46
C VAL A 212 7.61 3.17 4.96
N HIS A 213 7.89 2.17 4.13
CA HIS A 213 7.66 0.90 4.81
C HIS A 213 8.84 0.57 5.73
N ALA A 214 8.55 0.32 7.01
CA ALA A 214 9.72 0.11 7.87
C ALA A 214 9.28 -0.55 9.15
N GLY A 215 10.13 -1.52 9.54
CA GLY A 215 9.82 -2.39 10.69
C GLY A 215 8.74 -3.47 10.50
N GLU A 216 8.47 -3.78 9.23
CA GLU A 216 7.67 -4.97 8.99
C GLU A 216 8.44 -6.27 9.32
N VAL A 217 9.62 -6.28 8.70
CA VAL A 217 10.57 -7.39 8.89
C VAL A 217 12.03 -6.86 9.24
N GLY A 218 12.10 -5.52 9.35
CA GLY A 218 13.39 -4.93 9.63
C GLY A 218 13.53 -4.52 11.09
N SER A 219 14.73 -4.31 11.53
CA SER A 219 14.86 -3.90 12.93
C SER A 219 14.33 -2.51 13.31
N ALA A 220 14.24 -2.20 14.61
CA ALA A 220 13.84 -0.82 14.89
C ALA A 220 14.78 0.27 14.34
N ASN A 221 16.03 -0.13 13.95
CA ASN A 221 16.92 0.89 13.38
C ASN A 221 16.48 1.47 12.01
N VAL A 222 15.86 0.54 11.25
CA VAL A 222 15.15 0.98 10.05
C VAL A 222 13.97 1.96 10.13
N VAL A 223 13.17 1.79 11.17
CA VAL A 223 12.20 2.81 11.58
C VAL A 223 12.88 4.09 11.95
N LYS A 224 13.84 4.03 12.92
CA LYS A 224 14.64 5.27 13.17
C LYS A 224 15.28 5.98 11.94
N GLU A 225 15.75 5.20 11.01
CA GLU A 225 16.20 5.86 9.81
C GLU A 225 15.14 6.59 8.99
N ALA A 226 13.98 5.92 9.03
CA ALA A 226 12.80 6.46 8.40
C ALA A 226 12.25 7.74 9.07
N VAL A 227 12.24 7.74 10.43
CA VAL A 227 11.80 8.99 11.06
C VAL A 227 12.83 10.14 11.02
N ASP A 228 14.08 9.82 11.47
CA ASP A 228 15.09 10.93 11.53
C ASP A 228 15.75 11.25 10.20
N THR A 229 15.94 10.25 9.37
CA THR A 229 16.55 10.83 8.21
C THR A 229 15.74 11.02 6.92
N LEU A 230 14.85 10.05 6.72
CA LEU A 230 13.92 10.22 5.61
C LEU A 230 12.78 11.20 5.89
N LYS A 231 12.67 11.59 7.16
CA LYS A 231 11.57 12.44 7.62
C LYS A 231 10.15 11.98 7.30
N THR A 232 9.91 10.67 7.47
CA THR A 232 8.52 10.29 7.16
C THR A 232 7.46 10.94 8.01
N GLU A 233 6.28 11.10 7.40
CA GLU A 233 5.05 11.35 8.19
C GLU A 233 4.26 10.18 8.62
N ARG A 234 4.39 9.13 7.87
CA ARG A 234 3.84 7.93 8.50
C ARG A 234 4.70 6.67 8.26
N LEU A 235 4.34 5.62 8.98
CA LEU A 235 5.02 4.32 8.80
C LEU A 235 4.17 3.22 8.23
N GLY A 236 4.67 2.63 7.16
CA GLY A 236 4.20 1.30 6.81
C GLY A 236 4.62 0.18 7.73
N HIS A 237 3.55 -0.34 8.39
CA HIS A 237 3.63 -1.31 9.45
C HIS A 237 4.21 -0.77 10.80
N GLY A 238 5.57 -0.73 10.79
CA GLY A 238 6.30 -0.24 11.99
C GLY A 238 6.26 -1.13 13.20
N TYR A 239 6.10 -2.42 13.00
CA TYR A 239 5.89 -3.35 14.13
C TYR A 239 7.11 -3.42 15.09
N HIS A 240 8.27 -3.50 14.34
CA HIS A 240 9.55 -3.50 15.02
C HIS A 240 9.99 -2.28 15.78
N THR A 241 9.18 -1.21 15.69
CA THR A 241 9.52 -0.16 16.68
C THR A 241 9.41 -0.47 18.16
N LEU A 242 8.64 -1.56 18.42
CA LEU A 242 8.37 -2.07 19.79
C LEU A 242 9.63 -2.67 20.44
N GLU A 243 10.55 -3.08 19.51
CA GLU A 243 11.84 -3.52 20.04
C GLU A 243 12.73 -2.46 20.75
N ASP A 244 12.41 -1.19 20.49
CA ASP A 244 13.15 -0.12 21.16
C ASP A 244 12.28 0.83 21.96
N THR A 245 12.39 0.76 23.28
CA THR A 245 11.27 1.40 23.93
C THR A 245 11.21 2.92 23.97
N THR A 246 12.40 3.51 23.93
CA THR A 246 12.42 4.98 23.90
C THR A 246 11.88 5.51 22.61
N LEU A 247 12.24 4.81 21.53
CA LEU A 247 11.79 5.10 20.17
C LEU A 247 10.24 4.90 20.07
N TYR A 248 9.84 3.73 20.51
CA TYR A 248 8.41 3.69 20.67
C TYR A 248 7.67 4.84 21.44
N ASN A 249 8.22 5.13 22.65
CA ASN A 249 7.56 6.15 23.48
C ASN A 249 7.55 7.49 22.81
N ARG A 250 8.66 7.70 22.13
CA ARG A 250 8.79 9.00 21.41
C ARG A 250 7.81 9.14 20.25
N LEU A 251 7.77 8.08 19.42
CA LEU A 251 6.72 8.08 18.41
C LEU A 251 5.27 8.23 18.92
N ARG A 252 4.95 7.51 20.00
CA ARG A 252 3.68 7.82 20.64
C ARG A 252 3.47 9.29 21.01
N GLN A 253 4.48 9.91 21.57
CA GLN A 253 4.38 11.34 21.89
C GLN A 253 4.25 12.28 20.71
N GLU A 254 4.84 11.77 19.68
CA GLU A 254 4.78 12.56 18.47
C GLU A 254 3.56 12.29 17.60
N ASN A 255 2.82 11.28 18.06
CA ASN A 255 1.56 10.99 17.40
C ASN A 255 1.79 10.45 16.00
N MET A 256 2.91 9.75 15.84
CA MET A 256 3.06 9.00 14.58
C MET A 256 1.91 8.09 14.20
N HIS A 257 1.57 8.09 12.92
CA HIS A 257 0.66 7.08 12.35
C HIS A 257 1.32 5.80 11.82
N PHE A 258 0.86 4.69 12.37
CA PHE A 258 1.16 3.31 11.93
C PHE A 258 0.06 2.71 11.00
N GLU A 259 0.49 2.39 9.81
CA GLU A 259 -0.42 1.75 8.87
C GLU A 259 -0.38 0.24 9.05
N ILE A 260 -1.25 -0.24 9.92
CA ILE A 260 -1.19 -1.66 10.28
C ILE A 260 -1.87 -2.64 9.28
N CYS A 261 -1.18 -3.76 8.96
CA CYS A 261 -1.73 -4.77 8.09
C CYS A 261 -1.86 -6.12 8.80
N PRO A 262 -2.93 -6.35 9.58
CA PRO A 262 -2.95 -7.49 10.50
C PRO A 262 -2.80 -8.84 9.85
N TRP A 263 -3.69 -9.02 8.86
CA TRP A 263 -3.74 -10.25 8.08
C TRP A 263 -2.49 -10.54 7.21
N SER A 264 -2.12 -9.51 6.44
CA SER A 264 -0.75 -9.41 5.90
C SER A 264 0.37 -9.89 6.84
N SER A 265 0.33 -9.40 8.11
CA SER A 265 1.41 -9.78 9.04
C SER A 265 1.62 -11.23 9.44
N TYR A 266 0.47 -11.92 9.74
CA TYR A 266 0.38 -13.38 9.91
C TYR A 266 0.89 -14.10 8.67
N LEU A 267 0.30 -13.77 7.53
CA LEU A 267 0.70 -14.50 6.32
C LEU A 267 2.13 -14.38 5.90
N THR A 268 2.63 -13.17 6.02
CA THR A 268 4.07 -12.99 5.68
C THR A 268 5.16 -13.53 6.60
N GLY A 269 4.78 -13.82 7.82
CA GLY A 269 5.83 -14.16 8.77
C GLY A 269 6.31 -13.01 9.63
N ALA A 270 5.82 -11.79 9.36
CA ALA A 270 6.29 -10.65 10.17
C ALA A 270 5.80 -10.71 11.63
N TRP A 271 4.66 -11.41 11.71
CA TRP A 271 4.14 -11.73 13.04
C TRP A 271 4.01 -13.26 13.32
N LYS A 272 4.57 -13.70 14.47
CA LYS A 272 4.25 -15.14 14.61
C LYS A 272 3.14 -15.48 15.63
N PRO A 273 2.12 -16.26 15.24
CA PRO A 273 0.93 -16.33 16.10
C PRO A 273 1.13 -16.72 17.56
N ASP A 274 2.34 -17.19 17.89
CA ASP A 274 2.59 -17.38 19.30
C ASP A 274 2.86 -16.14 20.16
N THR A 275 2.75 -14.96 19.51
CA THR A 275 3.17 -13.66 20.09
C THR A 275 2.02 -12.71 20.33
N GLU A 276 2.26 -11.68 21.17
CA GLU A 276 1.42 -10.47 21.10
C GLU A 276 1.20 -9.92 19.66
N HIS A 277 -0.04 -9.67 19.25
CA HIS A 277 0.01 -8.93 17.99
C HIS A 277 0.41 -7.45 18.22
N ALA A 278 1.38 -6.97 17.41
CA ALA A 278 1.58 -5.51 17.58
C ALA A 278 0.33 -4.52 17.72
N VAL A 279 -0.74 -4.80 16.91
CA VAL A 279 -2.01 -4.04 16.97
C VAL A 279 -2.76 -3.95 18.28
N ILE A 280 -2.67 -5.07 19.04
CA ILE A 280 -3.36 -4.93 20.33
C ILE A 280 -2.70 -4.11 21.39
N ARG A 281 -1.37 -4.23 21.37
CA ARG A 281 -0.51 -3.19 21.95
C ARG A 281 -0.82 -1.76 21.51
N PHE A 282 -0.92 -1.62 20.21
CA PHE A 282 -1.30 -0.25 19.76
C PHE A 282 -2.69 0.25 20.16
N LYS A 283 -3.60 -0.75 20.22
CA LYS A 283 -4.92 -0.49 20.75
C LYS A 283 -4.90 -0.16 22.26
N ASN A 284 -4.29 -1.05 23.02
CA ASN A 284 -4.12 -0.68 24.44
C ASN A 284 -3.40 0.61 24.77
N ASP A 285 -2.41 0.92 23.92
CA ASP A 285 -1.77 2.23 24.16
C ASP A 285 -2.35 3.43 23.43
N GLN A 286 -3.46 3.17 22.71
CA GLN A 286 -4.10 4.26 22.00
C GLN A 286 -3.21 4.98 21.05
N VAL A 287 -2.33 4.19 20.51
CA VAL A 287 -1.66 4.84 19.39
C VAL A 287 -2.58 5.16 18.17
N ASN A 288 -2.11 6.08 17.35
CA ASN A 288 -2.59 6.45 16.03
C ASN A 288 -2.24 5.38 15.00
N TYR A 289 -3.27 4.54 14.78
CA TYR A 289 -3.05 3.60 13.69
C TYR A 289 -4.27 3.29 12.83
N SER A 290 -3.96 2.75 11.66
CA SER A 290 -5.00 2.35 10.74
C SER A 290 -4.99 0.85 10.47
N LEU A 291 -6.09 0.33 9.85
CA LEU A 291 -6.24 -1.05 9.44
C LEU A 291 -6.31 -1.21 7.92
N ASN A 292 -5.51 -2.09 7.40
CA ASN A 292 -5.25 -2.01 5.98
C ASN A 292 -5.05 -3.41 5.46
N THR A 293 -5.31 -3.57 4.16
CA THR A 293 -5.05 -4.95 3.80
C THR A 293 -3.88 -5.22 2.95
N ASP A 294 -3.23 -4.15 2.46
CA ASP A 294 -1.92 -4.35 1.81
C ASP A 294 -1.90 -4.96 0.41
N ASP A 295 -2.21 -6.26 0.38
CA ASP A 295 -2.26 -6.95 -0.93
C ASP A 295 -3.38 -7.99 -0.99
N PRO A 296 -4.63 -7.55 -1.20
CA PRO A 296 -5.74 -8.53 -1.23
C PRO A 296 -5.65 -9.67 -2.29
N LEU A 297 -5.12 -9.41 -3.51
CA LEU A 297 -4.85 -10.54 -4.42
C LEU A 297 -4.04 -11.67 -3.84
N ILE A 298 -2.80 -11.28 -3.32
CA ILE A 298 -1.90 -12.23 -2.67
C ILE A 298 -2.27 -12.85 -1.41
N PHE A 299 -2.85 -12.00 -0.57
CA PHE A 299 -3.28 -12.61 0.70
C PHE A 299 -4.67 -13.23 0.75
N LYS A 300 -5.38 -13.19 -0.40
CA LYS A 300 -6.65 -13.94 -0.55
C LYS A 300 -7.80 -13.29 0.15
N SER A 301 -7.69 -11.96 0.11
CA SER A 301 -8.42 -11.36 1.23
C SER A 301 -9.24 -10.14 0.92
N THR A 302 -9.93 -9.69 1.93
CA THR A 302 -10.66 -8.43 1.67
C THR A 302 -10.47 -7.52 2.92
N LEU A 303 -10.72 -6.22 2.91
CA LEU A 303 -10.64 -5.48 4.21
C LEU A 303 -11.33 -6.07 5.43
N ASP A 304 -12.48 -6.63 5.09
CA ASP A 304 -13.22 -7.21 6.17
C ASP A 304 -12.58 -8.42 6.83
N THR A 305 -11.72 -9.09 6.07
CA THR A 305 -10.72 -9.98 6.67
C THR A 305 -9.90 -9.38 7.79
N ASP A 306 -9.33 -8.22 7.49
CA ASP A 306 -8.64 -7.59 8.61
C ASP A 306 -9.48 -7.23 9.86
N TYR A 307 -10.65 -6.80 9.49
CA TYR A 307 -11.56 -6.47 10.57
C TYR A 307 -12.05 -7.70 11.36
N GLN A 308 -12.17 -8.82 10.68
CA GLN A 308 -12.70 -9.98 11.38
C GLN A 308 -11.66 -10.63 12.32
N MET A 309 -10.46 -10.76 11.78
CA MET A 309 -9.30 -11.12 12.57
C MET A 309 -9.07 -10.20 13.77
N THR A 310 -9.18 -8.90 13.55
CA THR A 310 -9.12 -8.10 14.79
C THR A 310 -10.28 -8.17 15.80
N LYS A 311 -11.48 -8.37 15.29
CA LYS A 311 -12.59 -8.51 16.28
C LYS A 311 -12.84 -9.91 16.86
N LYS A 312 -12.49 -10.90 16.05
CA LYS A 312 -12.50 -12.25 16.59
C LYS A 312 -11.28 -12.68 17.34
N ASP A 313 -10.12 -12.50 16.68
CA ASP A 313 -9.09 -13.09 17.54
C ASP A 313 -8.45 -12.20 18.58
N MET A 314 -8.89 -10.94 18.60
CA MET A 314 -8.15 -9.99 19.46
C MET A 314 -9.01 -9.01 20.19
N GLY A 315 -10.33 -9.40 20.31
CA GLY A 315 -11.36 -8.59 21.02
C GLY A 315 -11.49 -7.12 20.76
N PHE A 316 -11.20 -6.72 19.52
CA PHE A 316 -11.58 -5.33 19.19
C PHE A 316 -13.05 -5.14 19.19
N THR A 317 -13.38 -3.91 19.51
CA THR A 317 -14.81 -3.61 19.49
C THR A 317 -15.12 -2.46 18.59
N GLU A 318 -16.44 -2.31 18.36
CA GLU A 318 -16.91 -1.19 17.56
C GLU A 318 -16.41 0.21 17.92
N GLU A 319 -16.06 0.35 19.20
CA GLU A 319 -15.55 1.72 19.50
C GLU A 319 -14.12 2.05 18.98
N GLU A 320 -13.30 1.03 19.09
CA GLU A 320 -11.96 1.02 18.49
C GLU A 320 -11.87 1.17 16.96
N PHE A 321 -12.70 0.33 16.33
CA PHE A 321 -12.89 0.48 14.92
C PHE A 321 -13.31 1.89 14.52
N LYS A 322 -14.18 2.54 15.26
CA LYS A 322 -14.45 3.90 14.80
C LYS A 322 -13.32 4.93 15.00
N ARG A 323 -12.78 4.82 16.20
CA ARG A 323 -11.64 5.72 16.37
C ARG A 323 -10.40 5.49 15.49
N LEU A 324 -10.21 4.23 15.11
CA LEU A 324 -9.08 4.03 14.22
C LEU A 324 -9.32 4.54 12.84
N ASN A 325 -10.59 4.47 12.37
CA ASN A 325 -10.87 5.15 11.10
C ASN A 325 -10.90 6.68 11.15
N ILE A 326 -11.25 7.17 12.33
CA ILE A 326 -11.07 8.61 12.49
C ILE A 326 -9.56 9.04 12.47
N ASN A 327 -8.76 8.33 13.28
CA ASN A 327 -7.30 8.50 13.17
C ASN A 327 -6.71 8.41 11.70
N ALA A 328 -7.16 7.37 11.00
CA ALA A 328 -6.80 7.23 9.61
C ALA A 328 -7.03 8.43 8.70
N ALA A 329 -8.21 9.00 8.91
CA ALA A 329 -8.62 10.23 8.23
C ALA A 329 -7.89 11.50 8.57
N LYS A 330 -7.66 11.59 9.85
CA LYS A 330 -6.81 12.67 10.32
C LYS A 330 -5.38 12.69 9.85
N SER A 331 -4.90 11.47 9.70
CA SER A 331 -3.52 11.32 9.19
C SER A 331 -3.50 11.05 7.73
N SER A 332 -4.68 11.08 7.11
CA SER A 332 -4.58 11.01 5.66
C SER A 332 -3.74 12.15 5.03
N PHE A 333 -3.32 11.99 3.74
CA PHE A 333 -2.64 13.02 3.00
C PHE A 333 -3.55 13.92 2.14
N LEU A 334 -4.79 14.07 2.58
CA LEU A 334 -5.53 15.17 1.99
C LEU A 334 -5.16 16.58 2.45
N PRO A 335 -5.39 17.56 1.53
CA PRO A 335 -5.36 18.96 1.97
C PRO A 335 -6.27 19.26 3.14
N GLU A 336 -5.87 20.20 4.00
CA GLU A 336 -6.75 20.38 5.18
C GLU A 336 -8.19 20.59 4.89
N ASP A 337 -8.44 21.22 3.76
CA ASP A 337 -9.88 21.39 3.63
C ASP A 337 -10.71 20.11 3.37
N GLU A 338 -10.29 19.35 2.35
CA GLU A 338 -10.99 18.08 2.07
C GLU A 338 -10.89 17.04 3.18
N LYS A 339 -9.86 17.27 3.97
CA LYS A 339 -9.78 16.45 5.16
C LYS A 339 -10.78 16.75 6.25
N LYS A 340 -11.17 18.02 6.44
CA LYS A 340 -12.26 18.25 7.43
C LYS A 340 -13.64 17.72 7.03
N GLU A 341 -13.90 17.82 5.72
CA GLU A 341 -15.13 17.24 5.17
C GLU A 341 -15.19 15.76 5.29
N LEU A 342 -14.02 15.10 5.05
CA LEU A 342 -13.96 13.65 5.34
C LEU A 342 -14.23 13.38 6.79
N LEU A 343 -13.53 14.14 7.68
CA LEU A 343 -13.88 13.92 9.10
C LEU A 343 -15.38 14.04 9.45
N ASP A 344 -16.02 15.08 8.85
CA ASP A 344 -17.39 15.41 9.23
C ASP A 344 -18.31 14.33 8.79
N LEU A 345 -18.10 13.94 7.55
CA LEU A 345 -18.76 12.70 7.09
C LEU A 345 -18.71 11.52 8.08
N LEU A 346 -17.50 11.26 8.59
CA LEU A 346 -17.45 10.05 9.38
C LEU A 346 -18.12 10.15 10.72
N TYR A 347 -17.92 11.32 11.34
CA TYR A 347 -18.65 11.55 12.59
C TYR A 347 -20.14 11.36 12.44
N LYS A 348 -20.69 12.04 11.40
CA LYS A 348 -22.13 11.95 11.08
C LYS A 348 -22.65 10.58 10.79
N ALA A 349 -21.78 9.77 10.19
CA ALA A 349 -22.25 8.37 10.08
C ALA A 349 -21.81 7.42 11.19
N TYR A 350 -20.89 7.92 12.05
CA TYR A 350 -20.51 7.16 13.22
C TYR A 350 -21.38 7.48 14.47
N ARG A 351 -22.17 8.51 14.31
CA ARG A 351 -23.14 8.90 15.31
C ARG A 351 -24.41 9.44 14.63
ZN ZN B . 2.85 -2.49 1.74
C1 FR8 C . 5.35 -4.72 -2.65
N2 FR8 C . 4.61 -4.47 -3.89
C3 FR8 C . 3.37 -4.93 -3.73
N4 FR8 C . 3.18 -5.39 -2.49
C5 FR8 C . 4.49 -5.32 -1.83
C8 FR8 C . 4.80 -5.85 -0.47
O9 FR8 C . 5.94 -5.84 -0.03
N10 FR8 C . 3.81 -6.28 0.27
C13 FR8 C . 5.18 -3.93 -5.11
C14 FR8 C . 4.95 -2.39 -5.24
O15 FR8 C . 3.56 -2.06 -4.81
C18 FR8 C . 6.67 -4.33 -5.22
C19 FR8 C . 6.88 -5.82 -5.60
N22 FR8 C . 8.35 -6.08 -5.52
C27 FR8 C . 9.24 -6.13 -6.56
C28 FR8 C . 10.52 -6.37 -6.06
C29 FR8 C . 10.40 -6.48 -4.63
C30 FR8 C . 9.02 -6.32 -4.33
C31 FR8 C . 11.31 -6.70 -3.64
C32 FR8 C . 10.87 -6.76 -2.31
C33 FR8 C . 9.50 -6.59 -2.01
C34 FR8 C . 8.59 -6.37 -3.04
N1 FR8 C . 8.97 -6.57 -0.77
C2 FR8 C . 9.58 -7.00 0.33
O1 FR8 C . 10.75 -7.31 0.44
C4 FR8 C . 8.64 -7.08 1.49
C6 FR8 C . 8.58 -8.50 2.07
C7 FR8 C . 8.99 -11.22 4.14
C11 FR8 C . 7.76 -11.00 3.50
C9 FR8 C . 7.17 -12.00 2.76
C12 FR8 C . 7.74 -13.26 2.76
C10 FR8 C . 8.92 -13.49 3.46
C15 FR8 C . 9.57 -12.48 4.13
C16 FR8 C . 7.15 -8.88 2.39
C17 FR8 C . 7.08 -9.71 3.65
#